data_4NB3
#
_entry.id   4NB3
#
_cell.length_a   90.145
_cell.length_b   46.803
_cell.length_c   78.792
_cell.angle_alpha   90.00
_cell.angle_beta   120.64
_cell.angle_gamma   90.00
#
_symmetry.space_group_name_H-M   'C 1 2 1'
#
loop_
_entity.id
_entity.type
_entity.pdbx_description
1 polymer 'Replication protein A 70 kDa DNA-binding subunit'
2 polymer '3,4 dichlorophenylalanine ATRIP derived peptide'
3 water water
#
loop_
_entity_poly.entity_id
_entity_poly.type
_entity_poly.pdbx_seq_one_letter_code
_entity_poly.pdbx_strand_id
1 'polypeptide(L)'
;GSHMVGQLSRGAIAAIMQKGDTNIKPILQVINIRPITTGNSPPRYRLLMSDGLNTLSSFMLATQLNPLVEEEQLSSNCVC
QIHRFIVNTLKDGRRVVILMELEVLKSAEAVGVKIGNPVPYNE
;
A,B
2 'polypeptide(L)' (2N2)DFTADDLEEW(ZCL)ALA C,D
#
# COMPACT_ATOMS: atom_id res chain seq x y z
N GLY A 1 4.05 18.80 25.20
CA GLY A 1 3.80 17.86 26.28
C GLY A 1 3.22 16.55 25.77
N SER A 2 3.62 15.46 26.42
CA SER A 2 3.18 14.14 26.03
C SER A 2 2.37 13.39 27.08
N HIS A 3 1.98 14.04 28.15
CA HIS A 3 1.22 13.33 29.17
C HIS A 3 -0.20 12.87 28.70
N MET A 4 -0.71 13.32 27.56
CA MET A 4 -2.02 12.85 27.05
C MET A 4 -1.86 11.80 25.95
N VAL A 5 -0.65 11.36 25.66
CA VAL A 5 -0.48 10.50 24.50
CA VAL A 5 -0.37 10.46 24.53
C VAL A 5 -1.14 9.14 24.68
N GLY A 6 -1.39 8.72 25.92
CA GLY A 6 -2.23 7.54 26.19
C GLY A 6 -3.66 7.62 25.68
N GLN A 7 -4.11 8.82 25.27
CA GLN A 7 -5.45 8.96 24.66
C GLN A 7 -5.50 8.54 23.21
N LEU A 8 -4.33 8.39 22.55
CA LEU A 8 -4.30 8.17 21.10
C LEU A 8 -3.88 6.74 20.81
N SER A 9 -4.36 6.17 19.71
CA SER A 9 -4.07 4.78 19.35
C SER A 9 -2.68 4.59 18.78
N ARG A 10 -1.67 4.71 19.63
CA ARG A 10 -0.28 4.62 19.19
C ARG A 10 -0.06 3.32 18.43
N GLY A 11 0.50 3.41 17.23
CA GLY A 11 0.74 2.23 16.42
C GLY A 11 -0.33 1.99 15.35
N ALA A 12 -1.47 2.67 15.40
CA ALA A 12 -2.50 2.46 14.41
C ALA A 12 -2.08 2.89 13.03
N ILE A 13 -1.32 3.99 12.93
CA ILE A 13 -0.89 4.45 11.60
C ILE A 13 0.03 3.43 10.99
N ALA A 14 1.02 2.94 11.75
CA ALA A 14 1.94 1.93 11.24
C ALA A 14 1.15 0.68 10.84
N ALA A 15 0.14 0.29 11.61
CA ALA A 15 -0.67 -0.91 11.27
C ALA A 15 -1.47 -0.70 9.97
N ILE A 16 -2.08 0.46 9.78
CA ILE A 16 -2.77 0.73 8.53
C ILE A 16 -1.80 0.70 7.37
N MET A 17 -0.63 1.30 7.53
CA MET A 17 0.37 1.36 6.46
CA MET A 17 0.23 1.37 6.36
C MET A 17 0.94 0.04 6.08
N GLN A 18 1.19 -0.77 7.11
CA GLN A 18 1.82 -2.07 6.90
CA GLN A 18 1.83 -2.07 6.95
C GLN A 18 0.83 -3.11 6.44
N LYS A 19 -0.26 -3.28 7.19
CA LYS A 19 -1.25 -4.37 6.91
C LYS A 19 -2.41 -3.93 6.03
N GLY A 20 -2.81 -2.66 6.14
CA GLY A 20 -3.89 -2.14 5.34
C GLY A 20 -5.27 -2.57 5.81
N ASP A 21 -5.38 -3.14 6.99
CA ASP A 21 -6.69 -3.63 7.45
C ASP A 21 -7.53 -2.50 8.05
N THR A 22 -8.85 -2.62 7.90
CA THR A 22 -9.74 -1.52 8.22
C THR A 22 -10.64 -1.86 9.40
N ASN A 23 -10.43 -3.04 9.99
CA ASN A 23 -11.29 -3.51 11.08
C ASN A 23 -10.83 -3.02 12.46
N ILE A 24 -10.50 -1.74 12.56
CA ILE A 24 -10.09 -1.11 13.81
C ILE A 24 -10.81 0.23 13.87
N LYS A 25 -10.86 0.85 15.04
CA LYS A 25 -11.49 2.17 15.22
CA LYS A 25 -11.50 2.17 15.27
C LYS A 25 -10.56 3.11 15.99
N PRO A 26 -9.48 3.50 15.33
CA PRO A 26 -8.43 4.22 16.06
C PRO A 26 -8.87 5.59 16.48
N ILE A 27 -8.25 6.05 17.58
CA ILE A 27 -8.40 7.41 18.09
C ILE A 27 -7.17 8.22 17.74
N LEU A 28 -7.42 9.32 17.03
CA LEU A 28 -6.38 10.13 16.41
C LEU A 28 -6.53 11.60 16.72
N GLN A 29 -5.44 12.35 16.65
CA GLN A 29 -5.54 13.78 16.77
C GLN A 29 -5.40 14.42 15.36
N VAL A 30 -6.25 15.39 15.05
CA VAL A 30 -6.08 16.17 13.83
C VAL A 30 -4.95 17.17 14.02
N ILE A 31 -3.96 17.13 13.12
CA ILE A 31 -2.86 18.13 13.14
C ILE A 31 -3.17 19.28 12.21
N ASN A 32 -3.58 18.98 10.95
N ASN A 32 -3.70 18.97 11.04
CA ASN A 32 -4.05 20.05 10.06
CA ASN A 32 -4.06 20.01 10.13
C ASN A 32 -5.09 19.52 9.12
C ASN A 32 -5.09 19.52 9.12
N ILE A 33 -5.79 20.45 8.50
CA ILE A 33 -6.81 20.19 7.49
C ILE A 33 -6.55 21.15 6.34
N ARG A 34 -6.41 20.63 5.14
CA ARG A 34 -6.13 21.47 3.98
C ARG A 34 -7.02 21.09 2.81
N PRO A 35 -7.47 22.07 2.01
CA PRO A 35 -8.26 21.67 0.84
C PRO A 35 -7.41 21.11 -0.25
N ILE A 36 -7.84 20.04 -0.86
CA ILE A 36 -7.23 19.49 -2.06
C ILE A 36 -7.61 20.38 -3.23
N THR A 37 -6.63 20.74 -4.08
CA THR A 37 -6.91 21.63 -5.20
CA THR A 37 -6.87 21.60 -5.20
C THR A 37 -7.43 20.81 -6.39
N THR A 38 -8.70 20.44 -6.33
CA THR A 38 -9.25 19.59 -7.39
C THR A 38 -9.71 20.42 -8.59
N GLY A 39 -9.98 21.71 -8.37
CA GLY A 39 -10.54 22.60 -9.37
C GLY A 39 -12.01 22.36 -9.67
N ASN A 40 -12.74 21.62 -8.83
CA ASN A 40 -14.15 21.41 -9.06
C ASN A 40 -14.86 21.09 -7.77
N SER A 41 -16.18 21.10 -7.77
CA SER A 41 -17.01 20.74 -6.63
CA SER A 41 -17.00 20.73 -6.62
C SER A 41 -17.09 19.24 -6.43
N PRO A 42 -17.27 18.78 -5.20
CA PRO A 42 -17.30 19.58 -3.96
C PRO A 42 -15.90 19.89 -3.43
N PRO A 43 -15.82 20.80 -2.43
CA PRO A 43 -14.55 20.87 -1.69
C PRO A 43 -14.18 19.50 -1.15
N ARG A 44 -12.88 19.24 -1.08
CA ARG A 44 -12.39 18.00 -0.52
C ARG A 44 -11.22 18.32 0.37
N TYR A 45 -11.19 17.69 1.53
CA TYR A 45 -10.16 17.99 2.51
C TYR A 45 -9.21 16.83 2.74
N ARG A 46 -7.92 17.15 2.81
CA ARG A 46 -6.83 16.24 3.16
C ARG A 46 -6.41 16.58 4.59
N LEU A 47 -6.21 15.54 5.40
CA LEU A 47 -5.84 15.75 6.83
C LEU A 47 -4.50 15.14 7.18
N LEU A 48 -3.72 15.88 7.96
CA LEU A 48 -2.51 15.36 8.62
C LEU A 48 -2.99 14.90 9.99
N MET A 49 -2.87 13.61 10.27
CA MET A 49 -3.32 13.21 11.61
CA MET A 49 -3.38 12.96 11.50
C MET A 49 -2.22 12.42 12.32
N SER A 50 -2.39 12.35 13.64
CA SER A 50 -1.41 11.76 14.58
C SER A 50 -2.04 10.67 15.40
N ASP A 51 -1.31 9.56 15.60
CA ASP A 51 -1.74 8.56 16.58
C ASP A 51 -0.89 8.60 17.85
N GLY A 52 -0.12 9.70 18.03
CA GLY A 52 0.76 9.86 19.19
C GLY A 52 2.16 9.31 18.93
N LEU A 53 2.32 8.33 18.07
CA LEU A 53 3.59 7.77 17.67
C LEU A 53 4.05 8.33 16.35
N ASN A 54 3.18 8.33 15.34
CA ASN A 54 3.45 8.84 14.02
C ASN A 54 2.41 9.85 13.57
N THR A 55 2.80 10.64 12.57
CA THR A 55 1.79 11.34 11.75
C THR A 55 1.80 10.72 10.37
N LEU A 56 0.66 10.88 9.69
CA LEU A 56 0.48 10.42 8.29
C LEU A 56 -0.36 11.49 7.58
N SER A 57 0.02 11.82 6.36
CA SER A 57 -0.59 12.93 5.62
C SER A 57 -1.65 12.52 4.60
N SER A 58 -1.83 11.23 4.37
CA SER A 58 -2.64 10.79 3.25
CA SER A 58 -2.65 10.79 3.26
C SER A 58 -4.03 10.32 3.68
N PHE A 59 -4.69 11.17 4.47
CA PHE A 59 -6.10 10.97 4.81
C PHE A 59 -6.93 11.92 3.97
N MET A 60 -8.03 11.43 3.42
CA MET A 60 -9.03 12.28 2.79
C MET A 60 -10.34 12.13 3.50
N LEU A 61 -10.98 13.25 3.78
CA LEU A 61 -12.30 13.22 4.41
C LEU A 61 -13.42 12.92 3.41
N ALA A 62 -14.35 12.04 3.72
CA ALA A 62 -15.50 11.78 2.83
C ALA A 62 -16.42 12.97 2.76
N THR A 63 -17.02 13.20 1.58
CA THR A 63 -17.86 14.39 1.35
C THR A 63 -19.00 14.56 2.36
N GLN A 64 -19.63 13.46 2.83
CA GLN A 64 -20.73 13.63 3.79
C GLN A 64 -20.29 14.22 5.12
N LEU A 65 -18.99 14.14 5.44
CA LEU A 65 -18.46 14.72 6.65
C LEU A 65 -17.96 16.16 6.53
N ASN A 66 -18.04 16.77 5.34
CA ASN A 66 -17.60 18.15 5.18
C ASN A 66 -18.20 19.14 6.17
N PRO A 67 -19.51 18.97 6.56
CA PRO A 67 -20.03 19.99 7.50
C PRO A 67 -19.25 20.03 8.81
N LEU A 68 -18.62 18.93 9.24
CA LEU A 68 -17.78 19.01 10.43
C LEU A 68 -16.63 19.98 10.26
N VAL A 69 -16.06 20.06 9.05
CA VAL A 69 -14.96 21.00 8.80
C VAL A 69 -15.49 22.42 8.68
N GLU A 70 -16.57 22.58 7.90
CA GLU A 70 -17.13 23.87 7.63
C GLU A 70 -17.67 24.56 8.91
N GLU A 71 -18.23 23.77 9.85
CA GLU A 71 -18.76 24.33 11.10
C GLU A 71 -17.79 24.20 12.28
N GLU A 72 -16.60 23.71 11.97
CA GLU A 72 -15.43 23.73 12.86
C GLU A 72 -15.48 22.75 14.01
N GLN A 73 -16.34 21.74 13.93
CA GLN A 73 -16.31 20.68 14.95
C GLN A 73 -15.06 19.88 14.80
N LEU A 74 -14.65 19.62 13.55
CA LEU A 74 -13.43 18.94 13.24
C LEU A 74 -12.39 19.98 12.88
N SER A 75 -11.37 20.19 13.72
CA SER A 75 -10.37 21.23 13.46
C SER A 75 -9.06 20.84 14.13
N SER A 76 -7.98 21.53 13.78
CA SER A 76 -6.66 21.22 14.31
CA SER A 76 -6.66 21.25 14.31
C SER A 76 -6.67 21.20 15.84
N ASN A 77 -6.10 20.12 16.38
CA ASN A 77 -5.93 19.75 17.79
C ASN A 77 -7.06 18.91 18.31
N CYS A 78 -8.22 18.79 17.62
CA CYS A 78 -9.28 17.95 18.19
C CYS A 78 -8.87 16.44 18.14
N VAL A 79 -9.53 15.66 19.01
CA VAL A 79 -9.28 14.23 19.07
C VAL A 79 -10.57 13.53 18.60
N CYS A 80 -10.40 12.61 17.67
CA CYS A 80 -11.56 11.94 17.07
CA CYS A 80 -11.55 11.89 17.03
C CYS A 80 -11.37 10.43 17.00
N GLN A 81 -12.48 9.71 16.99
CA GLN A 81 -12.43 8.28 16.78
CA GLN A 81 -12.43 8.29 16.77
C GLN A 81 -12.93 7.97 15.37
N ILE A 82 -12.17 7.18 14.64
CA ILE A 82 -12.60 6.79 13.28
C ILE A 82 -13.49 5.56 13.37
N HIS A 83 -14.73 5.67 12.91
CA HIS A 83 -15.66 4.55 12.98
C HIS A 83 -15.73 3.74 11.73
N ARG A 84 -15.38 4.33 10.57
CA ARG A 84 -15.36 3.56 9.33
C ARG A 84 -14.40 4.27 8.38
N PHE A 85 -13.49 3.51 7.78
CA PHE A 85 -12.55 4.07 6.83
C PHE A 85 -12.23 3.02 5.78
N ILE A 86 -11.76 3.51 4.64
CA ILE A 86 -11.35 2.68 3.52
C ILE A 86 -9.87 2.92 3.22
N VAL A 87 -9.14 1.86 2.86
CA VAL A 87 -7.75 1.97 2.44
C VAL A 87 -7.71 1.74 0.94
N ASN A 88 -7.15 2.68 0.20
CA ASN A 88 -6.92 2.46 -1.22
C ASN A 88 -5.43 2.60 -1.52
N THR A 89 -4.84 1.53 -2.03
CA THR A 89 -3.39 1.50 -2.29
C THR A 89 -3.17 1.94 -3.77
N LEU A 90 -2.35 2.96 -3.93
CA LEU A 90 -2.03 3.51 -5.27
C LEU A 90 -1.07 2.60 -6.00
N LYS A 91 -0.93 2.84 -7.29
CA LYS A 91 -0.07 2.00 -8.08
CA LYS A 91 -0.06 2.00 -8.09
C LYS A 91 1.37 2.02 -7.58
N ASP A 92 1.80 3.14 -7.02
N ASP A 92 1.79 3.13 -7.00
CA ASP A 92 3.19 3.25 -6.57
CA ASP A 92 3.18 3.25 -6.56
C ASP A 92 3.40 2.73 -5.13
C ASP A 92 3.40 2.74 -5.13
N GLY A 93 2.34 2.24 -4.51
CA GLY A 93 2.42 1.65 -3.16
C GLY A 93 2.02 2.53 -1.99
N ARG A 94 1.86 3.83 -2.22
CA ARG A 94 1.36 4.72 -1.18
C ARG A 94 -0.08 4.32 -0.86
N ARG A 95 -0.56 4.59 0.37
CA ARG A 95 -1.93 4.28 0.75
CA ARG A 95 -1.93 4.29 0.75
C ARG A 95 -2.73 5.52 1.13
N VAL A 96 -3.88 5.68 0.48
CA VAL A 96 -4.76 6.76 0.83
CA VAL A 96 -4.77 6.76 0.85
C VAL A 96 -5.81 6.18 1.79
N VAL A 97 -6.08 6.91 2.85
CA VAL A 97 -7.09 6.49 3.83
C VAL A 97 -8.26 7.44 3.75
N ILE A 98 -9.41 6.91 3.35
CA ILE A 98 -10.62 7.74 3.23
C ILE A 98 -11.48 7.55 4.47
N LEU A 99 -11.67 8.66 5.19
CA LEU A 99 -12.40 8.64 6.46
C LEU A 99 -13.90 8.78 6.15
N MET A 100 -14.69 7.71 6.36
CA MET A 100 -16.09 7.66 6.00
C MET A 100 -17.02 8.03 7.15
N GLU A 101 -16.66 7.63 8.38
CA GLU A 101 -17.48 7.90 9.56
C GLU A 101 -16.52 8.24 10.70
N LEU A 102 -16.76 9.31 11.45
CA LEU A 102 -15.95 9.58 12.64
C LEU A 102 -16.74 10.38 13.64
N GLU A 103 -16.25 10.38 14.86
CA GLU A 103 -16.82 11.10 15.97
C GLU A 103 -15.76 11.95 16.63
N VAL A 104 -16.05 13.20 16.91
CA VAL A 104 -15.13 14.06 17.65
C VAL A 104 -15.34 13.80 19.13
N LEU A 105 -14.30 13.27 19.80
CA LEU A 105 -14.37 12.94 21.21
C LEU A 105 -14.09 14.17 22.06
N LYS A 106 -13.13 15.02 21.63
CA LYS A 106 -12.76 16.23 22.37
CA LYS A 106 -12.77 16.23 22.36
C LYS A 106 -12.48 17.32 21.36
N SER A 107 -13.07 18.47 21.55
CA SER A 107 -12.89 19.58 20.63
C SER A 107 -11.47 20.14 20.69
N ALA A 108 -11.07 20.85 19.65
CA ALA A 108 -9.78 21.51 19.63
C ALA A 108 -9.57 22.39 20.85
N GLU A 109 -10.61 23.12 21.27
CA GLU A 109 -10.43 24.01 22.41
C GLU A 109 -10.23 23.24 23.72
N ALA A 110 -10.95 22.12 23.84
CA ALA A 110 -10.85 21.28 25.04
C ALA A 110 -9.49 20.64 25.13
N VAL A 111 -8.91 20.26 23.98
CA VAL A 111 -7.58 19.60 24.02
C VAL A 111 -6.49 20.64 24.20
N GLY A 112 -6.49 21.69 23.36
CA GLY A 112 -5.69 22.88 23.58
C GLY A 112 -4.25 22.87 23.10
N VAL A 113 -3.73 21.71 22.71
CA VAL A 113 -2.31 21.54 22.40
C VAL A 113 -2.18 20.43 21.42
N LYS A 114 -1.01 20.36 20.78
CA LYS A 114 -0.59 19.17 20.06
C LYS A 114 -0.13 18.12 21.06
N ILE A 115 -0.58 16.87 20.93
CA ILE A 115 -0.23 15.82 21.89
C ILE A 115 1.04 15.10 21.47
N GLY A 116 2.07 15.16 22.30
CA GLY A 116 3.34 14.44 22.03
C GLY A 116 4.23 15.01 20.95
N ASN A 117 5.15 14.16 20.43
CA ASN A 117 5.99 14.58 19.31
C ASN A 117 6.01 13.48 18.27
N PRO A 118 4.85 13.17 17.69
CA PRO A 118 4.79 12.08 16.71
C PRO A 118 5.74 12.33 15.54
N VAL A 119 6.30 11.26 15.02
CA VAL A 119 7.24 11.44 13.93
CA VAL A 119 7.27 11.33 13.94
C VAL A 119 6.57 11.07 12.62
N PRO A 120 6.82 11.89 11.58
CA PRO A 120 6.19 11.57 10.27
C PRO A 120 6.51 10.13 9.84
N TYR A 121 5.48 9.37 9.43
CA TYR A 121 5.66 8.01 8.99
C TYR A 121 6.43 8.01 7.70
N ASN A 122 7.36 7.08 7.55
CA ASN A 122 8.08 7.09 6.30
C ASN A 122 7.58 5.90 5.56
N GLU A 123 7.09 6.32 4.40
CA GLU A 123 5.73 6.70 4.15
C GLU A 123 4.94 5.98 3.05
N SER B 2 -13.79 -9.86 -2.47
CA SER B 2 -12.84 -8.84 -2.88
C SER B 2 -12.70 -7.69 -1.89
N HIS B 3 -13.15 -7.87 -0.65
CA HIS B 3 -13.10 -6.76 0.31
C HIS B 3 -11.69 -6.26 0.69
N MET B 4 -10.66 -7.04 0.38
CA MET B 4 -9.30 -6.61 0.68
C MET B 4 -8.53 -6.09 -0.55
N VAL B 5 -9.17 -5.93 -1.72
CA VAL B 5 -8.36 -5.57 -2.89
C VAL B 5 -7.76 -4.18 -2.79
N GLY B 6 -8.32 -3.31 -1.94
CA GLY B 6 -7.73 -2.01 -1.69
C GLY B 6 -6.36 -2.05 -1.06
N GLN B 7 -5.96 -3.22 -0.58
CA GLN B 7 -4.62 -3.40 0.00
C GLN B 7 -3.53 -3.55 -1.04
N LEU B 8 -3.89 -3.81 -2.28
CA LEU B 8 -2.92 -4.11 -3.33
C LEU B 8 -2.84 -2.99 -4.34
N SER B 9 -1.68 -2.82 -4.96
CA SER B 9 -1.45 -1.70 -5.93
C SER B 9 -2.12 -1.96 -7.30
N ARG B 10 -3.46 -1.91 -7.33
CA ARG B 10 -4.20 -2.22 -8.54
C ARG B 10 -3.74 -1.34 -9.69
N GLY B 11 -3.38 -1.99 -10.80
CA GLY B 11 -2.88 -1.29 -11.97
C GLY B 11 -1.37 -1.20 -12.07
N ALA B 12 -0.63 -1.59 -11.03
CA ALA B 12 0.84 -1.56 -11.09
C ALA B 12 1.38 -2.54 -12.13
N ILE B 13 0.80 -3.75 -12.26
CA ILE B 13 1.32 -4.69 -13.23
C ILE B 13 1.19 -4.11 -14.64
N ALA B 14 0.02 -3.56 -15.02
CA ALA B 14 -0.13 -2.99 -16.35
C ALA B 14 0.85 -1.83 -16.52
N ALA B 15 1.06 -0.99 -15.49
CA ALA B 15 1.99 0.13 -15.63
C ALA B 15 3.42 -0.31 -15.84
N ILE B 16 3.86 -1.31 -15.10
CA ILE B 16 5.21 -1.86 -15.23
C ILE B 16 5.37 -2.47 -16.64
N MET B 17 4.36 -3.22 -17.08
CA MET B 17 4.56 -3.91 -18.35
CA MET B 17 4.42 -3.89 -18.38
C MET B 17 4.42 -2.93 -19.54
N GLN B 18 3.64 -1.86 -19.41
CA GLN B 18 3.50 -0.90 -20.50
CA GLN B 18 3.47 -0.84 -20.46
C GLN B 18 4.61 0.15 -20.50
N LYS B 19 4.87 0.80 -19.35
CA LYS B 19 5.85 1.90 -19.35
C LYS B 19 7.25 1.41 -18.97
N GLY B 20 7.32 0.39 -18.11
CA GLY B 20 8.62 -0.15 -17.72
C GLY B 20 9.42 0.64 -16.72
N ASP B 21 8.79 1.60 -16.08
CA ASP B 21 9.51 2.38 -15.12
C ASP B 21 9.54 1.72 -13.74
N THR B 22 10.61 1.98 -13.00
CA THR B 22 10.92 1.20 -11.78
C THR B 22 10.91 2.07 -10.53
N ASN B 23 10.55 3.30 -10.65
CA ASN B 23 10.54 4.21 -9.51
C ASN B 23 9.25 4.21 -8.69
N ILE B 24 8.77 3.03 -8.37
CA ILE B 24 7.55 2.83 -7.61
C ILE B 24 7.82 1.67 -6.65
N LYS B 25 6.97 1.54 -5.61
CA LYS B 25 7.11 0.49 -4.59
C LYS B 25 5.78 -0.26 -4.43
N PRO B 26 5.34 -0.96 -5.48
CA PRO B 26 3.97 -1.51 -5.44
C PRO B 26 3.86 -2.62 -4.40
N ILE B 27 2.65 -2.75 -3.89
CA ILE B 27 2.24 -3.80 -2.96
C ILE B 27 1.48 -4.88 -3.71
N LEU B 28 1.95 -6.12 -3.65
CA LEU B 28 1.50 -7.25 -4.46
C LEU B 28 1.22 -8.47 -3.55
N GLN B 29 0.37 -9.39 -4.01
CA GLN B 29 0.21 -10.65 -3.30
C GLN B 29 0.91 -11.76 -4.09
N VAL B 30 1.64 -12.63 -3.41
CA VAL B 30 2.18 -13.83 -4.06
C VAL B 30 1.07 -14.83 -4.33
N ILE B 31 0.94 -15.32 -5.57
CA ILE B 31 -0.01 -16.41 -5.83
C ILE B 31 0.72 -17.75 -5.85
N ASN B 32 1.84 -17.83 -6.57
CA ASN B 32 2.63 -19.07 -6.46
C ASN B 32 4.11 -18.74 -6.72
N ILE B 33 4.94 -19.71 -6.33
CA ILE B 33 6.36 -19.64 -6.46
C ILE B 33 6.80 -20.96 -7.05
N ARG B 34 7.62 -20.92 -8.11
CA ARG B 34 8.07 -22.12 -8.80
CA ARG B 34 8.14 -22.17 -8.63
CA ARG B 34 8.08 -22.13 -8.78
C ARG B 34 9.58 -22.04 -9.10
N PRO B 35 10.28 -23.16 -9.14
CA PRO B 35 11.70 -23.07 -9.51
C PRO B 35 11.86 -22.90 -11.01
N ILE B 36 12.85 -22.14 -11.41
CA ILE B 36 13.29 -22.07 -12.79
C ILE B 36 14.20 -23.30 -13.08
N THR B 37 14.02 -24.03 -14.20
CA THR B 37 14.97 -25.10 -14.53
C THR B 37 16.26 -24.47 -15.01
N THR B 38 17.31 -24.53 -14.20
CA THR B 38 18.59 -23.97 -14.62
C THR B 38 19.65 -25.05 -14.68
N GLY B 39 20.80 -24.67 -15.23
CA GLY B 39 21.95 -25.55 -15.40
C GLY B 39 22.75 -25.79 -14.13
N ASN B 40 22.06 -25.79 -12.99
CA ASN B 40 22.67 -26.01 -11.67
C ASN B 40 23.38 -24.74 -11.21
N SER B 41 22.59 -23.75 -10.86
CA SER B 41 23.13 -22.53 -10.30
C SER B 41 22.82 -22.65 -8.83
N PRO B 42 22.77 -21.51 -8.10
CA PRO B 42 21.93 -21.62 -6.91
C PRO B 42 20.51 -21.89 -7.40
N PRO B 43 19.63 -22.21 -6.47
CA PRO B 43 18.20 -22.24 -6.78
C PRO B 43 17.79 -20.87 -7.34
N ARG B 44 16.82 -20.85 -8.24
CA ARG B 44 16.24 -19.60 -8.73
C ARG B 44 14.72 -19.77 -8.83
N TYR B 45 13.98 -18.75 -8.41
CA TYR B 45 12.54 -18.84 -8.32
C TYR B 45 11.86 -17.80 -9.21
N ARG B 46 10.75 -18.24 -9.80
CA ARG B 46 9.87 -17.29 -10.48
CA ARG B 46 9.84 -17.43 -10.61
C ARG B 46 8.51 -17.31 -9.86
N LEU B 47 7.86 -16.17 -9.93
CA LEU B 47 6.65 -15.94 -9.17
C LEU B 47 5.48 -15.52 -10.04
N LEU B 48 4.28 -16.02 -9.71
CA LEU B 48 3.00 -15.54 -10.19
C LEU B 48 2.52 -14.56 -9.13
N MET B 49 2.37 -13.27 -9.44
CA MET B 49 1.92 -12.34 -8.43
CA MET B 49 2.09 -12.15 -8.52
C MET B 49 0.73 -11.58 -8.90
N SER B 50 0.03 -11.00 -7.94
CA SER B 50 -1.24 -10.30 -8.15
C SER B 50 -1.17 -8.88 -7.65
N ASP B 51 -1.70 -7.92 -8.39
CA ASP B 51 -1.90 -6.57 -7.86
C ASP B 51 -3.35 -6.29 -7.52
N GLY B 52 -4.15 -7.35 -7.44
CA GLY B 52 -5.57 -7.19 -7.14
C GLY B 52 -6.46 -7.05 -8.36
N LEU B 53 -5.89 -6.59 -9.48
CA LEU B 53 -6.57 -6.46 -10.74
C LEU B 53 -6.10 -7.55 -11.68
N ASN B 54 -4.78 -7.65 -11.82
N ASN B 54 -4.78 -7.63 -11.84
CA ASN B 54 -4.17 -8.66 -12.68
CA ASN B 54 -4.15 -8.61 -12.72
C ASN B 54 -3.22 -9.58 -11.95
C ASN B 54 -3.19 -9.55 -11.99
N THR B 55 -2.97 -10.73 -12.56
CA THR B 55 -1.81 -11.54 -12.23
C THR B 55 -0.82 -11.51 -13.36
N LEU B 56 0.42 -11.78 -13.05
CA LEU B 56 1.50 -11.87 -14.05
C LEU B 56 2.55 -12.85 -13.56
N SER B 57 3.05 -13.74 -14.40
CA SER B 57 4.04 -14.70 -13.98
C SER B 57 5.49 -14.42 -14.43
N SER B 58 5.78 -13.26 -15.05
CA SER B 58 7.12 -12.93 -15.50
CA SER B 58 7.17 -13.01 -15.48
C SER B 58 7.96 -12.20 -14.44
N PHE B 59 7.89 -12.66 -13.18
CA PHE B 59 8.72 -12.19 -12.09
C PHE B 59 9.79 -13.18 -11.79
N MET B 60 11.05 -12.74 -11.64
CA MET B 60 12.11 -13.61 -11.13
C MET B 60 12.61 -13.01 -9.85
N LEU B 61 12.80 -13.87 -8.84
CA LEU B 61 13.38 -13.44 -7.58
C LEU B 61 14.91 -13.34 -7.65
N ALA B 62 15.50 -12.24 -7.22
CA ALA B 62 16.96 -12.19 -7.10
C ALA B 62 17.42 -13.24 -6.08
N THR B 63 18.54 -13.91 -6.37
CA THR B 63 18.95 -15.00 -5.47
C THR B 63 19.27 -14.54 -4.05
N GLN B 64 19.66 -13.29 -3.87
CA GLN B 64 19.92 -12.79 -2.52
CA GLN B 64 19.93 -12.84 -2.52
C GLN B 64 18.69 -12.92 -1.62
N LEU B 65 17.47 -12.98 -2.22
CA LEU B 65 16.22 -13.10 -1.49
C LEU B 65 15.77 -14.55 -1.32
N ASN B 66 16.55 -15.52 -1.80
CA ASN B 66 16.16 -16.93 -1.66
C ASN B 66 15.82 -17.34 -0.21
N PRO B 67 16.51 -16.80 0.83
CA PRO B 67 16.14 -17.26 2.21
C PRO B 67 14.69 -16.98 2.51
N LEU B 68 14.09 -15.92 1.94
CA LEU B 68 12.66 -15.69 2.21
C LEU B 68 11.77 -16.80 1.69
N VAL B 69 12.14 -17.39 0.55
CA VAL B 69 11.38 -18.54 0.04
C VAL B 69 11.70 -19.78 0.88
N GLU B 70 12.99 -19.99 1.20
N GLU B 70 12.98 -20.07 1.09
CA GLU B 70 13.49 -21.21 1.90
CA GLU B 70 13.32 -21.35 1.69
C GLU B 70 12.83 -21.39 3.23
C GLU B 70 13.02 -21.41 3.23
N GLU B 71 12.79 -20.27 3.91
CA GLU B 71 12.34 -20.20 5.32
C GLU B 71 10.85 -19.85 5.40
N GLU B 72 10.22 -19.84 4.24
CA GLU B 72 8.77 -19.77 4.07
C GLU B 72 8.14 -18.44 4.47
N GLN B 73 8.93 -17.36 4.57
CA GLN B 73 8.35 -16.03 4.84
C GLN B 73 7.63 -15.52 3.60
N LEU B 74 8.22 -15.78 2.43
CA LEU B 74 7.64 -15.43 1.14
C LEU B 74 6.99 -16.71 0.60
N SER B 75 5.66 -16.77 0.56
CA SER B 75 4.95 -17.99 0.12
C SER B 75 3.56 -17.56 -0.37
N SER B 76 2.90 -18.51 -1.02
CA SER B 76 1.58 -18.28 -1.59
CA SER B 76 1.57 -18.28 -1.60
C SER B 76 0.62 -17.64 -0.56
N ASN B 77 0.02 -16.53 -0.96
CA ASN B 77 -0.96 -15.70 -0.26
C ASN B 77 -0.34 -14.59 0.58
N CYS B 78 0.99 -14.58 0.76
CA CYS B 78 1.55 -13.44 1.53
C CYS B 78 1.45 -12.15 0.71
N VAL B 79 1.48 -11.01 1.41
CA VAL B 79 1.46 -9.69 0.78
C VAL B 79 2.80 -9.04 1.00
N CYS B 80 3.39 -8.51 -0.09
CA CYS B 80 4.70 -7.94 0.02
CA CYS B 80 4.74 -7.90 -0.02
C CYS B 80 4.77 -6.58 -0.67
N GLN B 81 5.71 -5.79 -0.27
CA GLN B 81 5.98 -4.52 -0.93
CA GLN B 81 5.97 -4.53 -0.93
C GLN B 81 7.30 -4.64 -1.66
N ILE B 82 7.33 -4.29 -2.94
CA ILE B 82 8.58 -4.33 -3.69
C ILE B 82 9.36 -3.04 -3.49
N HIS B 83 10.57 -3.14 -2.96
CA HIS B 83 11.38 -1.96 -2.69
C HIS B 83 12.38 -1.64 -3.79
N ARG B 84 12.78 -2.62 -4.57
CA ARG B 84 13.68 -2.34 -5.71
C ARG B 84 13.47 -3.44 -6.71
N PHE B 85 13.30 -3.05 -7.95
CA PHE B 85 13.15 -4.02 -9.04
C PHE B 85 13.74 -3.48 -10.32
N ILE B 86 13.93 -4.40 -11.26
CA ILE B 86 14.45 -4.09 -12.59
CA ILE B 86 14.47 -4.12 -12.60
C ILE B 86 13.50 -4.66 -13.62
N VAL B 87 13.28 -3.89 -14.69
CA VAL B 87 12.57 -4.38 -15.86
C VAL B 87 13.59 -4.66 -17.00
N ASN B 88 13.58 -5.87 -17.52
CA ASN B 88 14.44 -6.19 -18.67
C ASN B 88 13.58 -6.69 -19.81
N THR B 89 13.75 -6.06 -20.98
CA THR B 89 12.91 -6.36 -22.15
C THR B 89 13.69 -7.30 -23.06
N LEU B 90 13.09 -8.45 -23.36
CA LEU B 90 13.69 -9.47 -24.20
C LEU B 90 13.62 -9.06 -25.69
N LYS B 91 14.33 -9.80 -26.51
CA LYS B 91 14.36 -9.45 -27.93
CA LYS B 91 14.37 -9.45 -27.94
C LYS B 91 12.97 -9.44 -28.56
N ASP B 92 12.12 -10.35 -28.11
CA ASP B 92 10.83 -10.46 -28.76
C ASP B 92 9.78 -9.51 -28.20
N GLY B 93 10.17 -8.67 -27.25
CA GLY B 93 9.34 -7.62 -26.67
C GLY B 93 8.72 -7.99 -25.34
N ARG B 94 8.78 -9.26 -24.95
CA ARG B 94 8.32 -9.60 -23.63
C ARG B 94 9.19 -8.96 -22.52
N ARG B 95 8.61 -8.67 -21.37
CA ARG B 95 9.34 -8.11 -20.25
C ARG B 95 9.42 -9.05 -19.05
N VAL B 96 10.58 -9.05 -18.40
CA VAL B 96 10.83 -9.79 -17.18
C VAL B 96 11.04 -8.75 -16.10
N VAL B 97 10.45 -9.01 -14.92
CA VAL B 97 10.60 -8.14 -13.77
C VAL B 97 11.44 -8.87 -12.73
N ILE B 98 12.62 -8.33 -12.42
CA ILE B 98 13.50 -8.98 -11.46
C ILE B 98 13.36 -8.25 -10.14
N LEU B 99 12.90 -9.01 -9.13
CA LEU B 99 12.65 -8.46 -7.79
C LEU B 99 13.95 -8.48 -6.97
N MET B 100 14.52 -7.31 -6.71
CA MET B 100 15.84 -7.21 -6.04
C MET B 100 15.72 -7.04 -4.54
N GLU B 101 14.72 -6.29 -4.08
CA GLU B 101 14.51 -6.05 -2.63
C GLU B 101 13.05 -6.06 -2.36
N LEU B 102 12.57 -6.75 -1.34
CA LEU B 102 11.19 -6.70 -0.96
C LEU B 102 11.02 -6.97 0.49
N GLU B 103 9.87 -6.58 0.99
CA GLU B 103 9.49 -6.77 2.38
C GLU B 103 8.19 -7.50 2.46
N VAL B 104 8.07 -8.54 3.25
CA VAL B 104 6.77 -9.19 3.44
C VAL B 104 5.98 -8.35 4.46
N LEU B 105 4.85 -7.80 4.06
CA LEU B 105 4.01 -6.97 4.93
C LEU B 105 3.04 -7.82 5.76
N LYS B 106 2.51 -8.88 5.19
CA LYS B 106 1.56 -9.78 5.89
CA LYS B 106 1.59 -9.74 5.92
C LYS B 106 1.87 -11.16 5.47
N SER B 107 2.03 -12.06 6.44
CA SER B 107 2.34 -13.46 6.14
C SER B 107 1.18 -14.18 5.42
N ALA B 108 1.52 -15.26 4.75
CA ALA B 108 0.55 -16.13 4.10
C ALA B 108 -0.52 -16.59 5.10
N GLU B 109 -0.11 -16.95 6.33
CA GLU B 109 -1.07 -17.42 7.33
CA GLU B 109 -1.05 -17.40 7.39
C GLU B 109 -2.00 -16.29 7.83
N ALA B 110 -1.45 -15.08 7.98
CA ALA B 110 -2.28 -13.93 8.37
C ALA B 110 -3.29 -13.54 7.29
N VAL B 111 -2.93 -13.61 6.01
CA VAL B 111 -3.87 -13.23 4.93
C VAL B 111 -4.85 -14.34 4.71
N GLY B 112 -4.31 -15.54 4.51
CA GLY B 112 -5.12 -16.75 4.54
C GLY B 112 -5.87 -17.13 3.29
N VAL B 113 -5.90 -16.24 2.28
CA VAL B 113 -6.72 -16.43 1.08
C VAL B 113 -6.15 -15.62 -0.05
N LYS B 114 -6.48 -15.98 -1.28
CA LYS B 114 -6.22 -15.10 -2.42
CA LYS B 114 -6.23 -15.11 -2.42
C LYS B 114 -7.14 -13.90 -2.31
N ILE B 115 -6.59 -12.70 -2.50
CA ILE B 115 -7.36 -11.46 -2.41
C ILE B 115 -8.02 -11.13 -3.76
N GLY B 116 -9.34 -11.09 -3.77
CA GLY B 116 -10.02 -10.68 -4.98
C GLY B 116 -10.01 -11.72 -6.07
N ASN B 117 -10.32 -11.27 -7.30
CA ASN B 117 -10.40 -12.20 -8.42
CA ASN B 117 -10.44 -12.19 -8.45
C ASN B 117 -9.57 -11.64 -9.58
N PRO B 118 -8.24 -11.60 -9.39
CA PRO B 118 -7.39 -11.01 -10.43
C PRO B 118 -7.40 -11.86 -11.72
N VAL B 119 -7.22 -11.20 -12.86
CA VAL B 119 -7.25 -11.92 -14.13
CA VAL B 119 -7.28 -11.81 -14.19
C VAL B 119 -5.88 -11.81 -14.79
N PRO B 120 -5.49 -12.85 -15.50
CA PRO B 120 -4.15 -12.78 -16.10
C PRO B 120 -3.93 -11.58 -17.02
N TYR B 121 -2.81 -10.89 -16.82
CA TYR B 121 -2.43 -9.79 -17.71
C TYR B 121 -2.11 -10.30 -19.08
N ASN B 122 -2.57 -9.58 -20.09
CA ASN B 122 -2.34 -10.02 -21.47
C ASN B 122 -1.27 -9.12 -22.03
N GLU B 123 -0.05 -9.65 -22.08
CA GLU B 123 1.09 -8.92 -22.47
C GLU B 123 1.19 -8.63 -23.96
N ASP C 2 -17.91 9.32 -3.90
CA ASP C 2 -18.15 10.22 -5.04
C ASP C 2 -16.89 10.55 -5.83
N PHE C 3 -16.01 9.55 -6.01
CA PHE C 3 -14.72 9.74 -6.65
C PHE C 3 -14.29 8.37 -7.16
N THR C 4 -13.31 8.37 -8.05
CA THR C 4 -12.71 7.13 -8.60
C THR C 4 -11.29 6.89 -8.13
N ALA C 5 -10.75 5.71 -8.40
CA ALA C 5 -9.35 5.44 -8.08
C ALA C 5 -8.44 6.36 -8.88
N ASP C 6 -8.81 6.65 -10.12
CA ASP C 6 -7.98 7.55 -10.94
C ASP C 6 -8.03 8.98 -10.40
N ASP C 7 -9.15 9.41 -9.78
CA ASP C 7 -9.21 10.70 -9.09
C ASP C 7 -8.13 10.71 -7.98
N LEU C 8 -8.07 9.66 -7.17
CA LEU C 8 -7.07 9.60 -6.08
C LEU C 8 -5.68 9.71 -6.64
N GLU C 9 -5.40 9.00 -7.72
CA GLU C 9 -4.08 9.12 -8.35
C GLU C 9 -3.78 10.56 -8.76
N GLU C 10 -4.77 11.26 -9.34
CA GLU C 10 -4.57 12.64 -9.74
C GLU C 10 -4.31 13.56 -8.53
N TRP C 11 -5.15 13.41 -7.48
CA TRP C 11 -5.03 14.30 -6.34
C TRP C 11 -3.75 14.06 -5.56
N ALA C 13 -0.92 12.97 -7.06
CA ALA C 13 0.21 12.87 -8.03
C ALA C 13 1.53 13.42 -7.50
N LEU C 14 2.61 12.69 -7.74
CA LEU C 14 3.97 13.14 -7.36
C LEU C 14 4.54 14.10 -8.38
N ALA C 15 5.46 14.94 -7.94
N ASP D 2 23.45 -12.06 -10.62
CA ASP D 2 24.27 -13.24 -10.82
C ASP D 2 23.77 -14.03 -12.02
N PHE D 3 23.35 -13.31 -13.03
CA PHE D 3 22.85 -13.89 -14.27
C PHE D 3 23.06 -12.86 -15.38
N THR D 4 23.03 -13.34 -16.62
CA THR D 4 23.16 -12.49 -17.79
C THR D 4 21.88 -12.36 -18.60
N ALA D 5 21.86 -11.44 -19.58
CA ALA D 5 20.70 -11.29 -20.43
C ALA D 5 20.41 -12.59 -21.21
N ASP D 6 21.46 -13.29 -21.61
CA ASP D 6 21.22 -14.53 -22.31
C ASP D 6 20.65 -15.62 -21.38
N ASP D 7 21.01 -15.60 -20.08
CA ASP D 7 20.36 -16.50 -19.15
C ASP D 7 18.85 -16.24 -19.17
N LEU D 8 18.49 -14.96 -19.09
CA LEU D 8 17.07 -14.64 -19.09
C LEU D 8 16.39 -15.12 -20.34
N GLU D 9 17.02 -14.95 -21.51
CA GLU D 9 16.40 -15.48 -22.72
C GLU D 9 16.23 -16.99 -22.65
N GLU D 10 17.21 -17.70 -22.10
CA GLU D 10 17.09 -19.16 -21.97
C GLU D 10 15.94 -19.55 -21.01
N TRP D 11 15.90 -18.92 -19.86
CA TRP D 11 14.88 -19.28 -18.86
C TRP D 11 13.45 -18.92 -19.32
N ALA D 13 12.63 -18.96 -22.62
CA ALA D 13 12.51 -19.43 -24.01
C ALA D 13 11.14 -19.99 -24.27
N LEU D 14 10.62 -19.64 -25.45
CA LEU D 14 9.32 -20.07 -25.89
C LEU D 14 9.33 -21.51 -26.37
N ALA D 15 10.43 -21.91 -27.00
#